data_7YC8
#
_entry.id   7YC8
#
_cell.length_a   1.00
_cell.length_b   1.00
_cell.length_c   1.00
_cell.angle_alpha   90.00
_cell.angle_beta   90.00
_cell.angle_gamma   90.00
#
_symmetry.space_group_name_H-M   'P 1'
#
loop_
_entity.id
_entity.type
_entity.pdbx_description
1 polymer 'RNA (388-MER)'
2 non-polymer "GUANOSINE-5'-TRIPHOSPHATE"
#
_entity_poly.entity_id   1
_entity_poly.type   'polyribonucleotide'
_entity_poly.pdbx_seq_one_letter_code
;GGUUUGGAGGGAAAAGUUAUCAGGCAUGCACCUGGUAGCUAGUCUUUAAACCAAUAGAUUGCAUCGGUUUAAAAGGCAAG
ACCGUCAAAUUGCGGGAAAGGGGUCAACAGCCGUUCAGUACCAAGUCUCAGGGGAAACUUUGAGAUGGCCUUGCAAAGGG
UAUGGUAAUAAGCUGACGGACAUGGUCCUAACCACGCAGCCAAGUCCUAAGUCAACAGAUCUUCUGUUGAUAUGGAUGCA
GUUCACAGACUAAAUGUCGGUCGGGGAAGAUGUAUUCUUCUCAUAAGAUAUAGUCGGACCUCUCCUUAAUGGGAGCUAGC
GGAUGAAGUGAUGCAACACUGGAGCCGCUGGGAACUAAUUUGUAUGCGAAAGUAUAUUGAUUAGUUUUGGAGU
;
_entity_poly.pdbx_strand_id   N
#
loop_
_chem_comp.id
_chem_comp.type
_chem_comp.name
_chem_comp.formula
A RNA linking ADENOSINE-5'-MONOPHOSPHATE 'C10 H14 N5 O7 P'
C RNA linking CYTIDINE-5'-MONOPHOSPHATE 'C9 H14 N3 O8 P'
G RNA linking GUANOSINE-5'-MONOPHOSPHATE 'C10 H14 N5 O8 P'
GTP non-polymer GUANOSINE-5'-TRIPHOSPHATE 'C10 H16 N5 O14 P3'
U RNA linking URIDINE-5'-MONOPHOSPHATE 'C9 H13 N2 O9 P'
#
# COMPACT_ATOMS: atom_id res chain seq x y z
PG GTP B . -0.35 2.09 -4.19
O1G GTP B . -1.09 3.21 -3.50
O2G GTP B . -0.72 2.05 -5.65
O3G GTP B . -0.71 0.77 -3.54
O3B GTP B . 1.23 2.36 -4.04
PB GTP B . 1.88 2.59 -2.58
O1B GTP B . 3.39 2.64 -2.71
O2B GTP B . 1.35 3.85 -1.94
O3A GTP B . 1.45 1.29 -1.75
PA GTP B . 2.27 -0.10 -1.87
O1A GTP B . 1.33 -1.27 -1.70
O2A GTP B . 2.99 -0.18 -3.20
O5' GTP B . 3.31 -0.03 -0.65
C5' GTP B . 3.10 0.89 0.41
C4' GTP B . 2.51 0.20 1.62
O4' GTP B . 1.11 0.38 1.65
C3' GTP B . 2.74 -1.30 1.63
O3' GTP B . 3.88 -1.63 2.39
C2' GTP B . 1.48 -1.86 2.29
O2' GTP B . 1.76 -2.28 3.60
C1' GTP B . 0.50 -0.71 2.30
N9 GTP B . -0.75 -1.10 1.62
C8 GTP B . -0.85 -1.62 0.34
N7 GTP B . -2.15 -1.84 0.07
C5 GTP B . -2.89 -1.49 1.14
C6 GTP B . -4.25 -1.51 1.39
O6 GTP B . -5.03 -1.92 0.52
N1 GTP B . -4.74 -1.07 2.61
C2 GTP B . -3.86 -0.62 3.56
N2 GTP B . -4.33 -0.19 4.74
N3 GTP B . -2.51 -0.59 3.31
C4 GTP B . -2.02 -1.02 2.12
#